data_6GBU
#
_entry.id   6GBU
#
_cell.length_a   186.984
_cell.length_b   186.984
_cell.length_c   186.984
_cell.angle_alpha   90.00
_cell.angle_beta   90.00
_cell.angle_gamma   90.00
#
_symmetry.space_group_name_H-M   'I 21 3'
#
loop_
_entity.id
_entity.type
_entity.pdbx_description
1 polymer 'F-BAR and double SH3 domains protein 2'
2 polymer Intersectin-1
#
loop_
_entity_poly.entity_id
_entity_poly.type
_entity_poly.pdbx_seq_one_letter_code
_entity_poly.pdbx_strand_id
1 'polypeptide(L)' ASVCFVKALYDYEGQTDDELSFPEGAIIRILNKENQDDDGFWEGEFNGRIGVFPSVLVEELSA A,C,E,G
2 'polypeptide(L)' KKPEIAQVIASYTATGPEQLTLAPGQLILIRKKNPGGWWEGELQARGKKRQIGWFPANYVKLLSP B,D,F,H
#
# COMPACT_ATOMS: atom_id res chain seq x y z
N SER A 2 11.86 31.68 9.54
CA SER A 2 10.49 31.43 10.10
C SER A 2 10.59 30.87 11.55
N VAL A 3 9.79 29.84 11.90
CA VAL A 3 9.59 29.43 13.30
C VAL A 3 9.60 27.90 13.51
N CYS A 4 10.48 27.49 14.41
CA CYS A 4 10.73 26.09 14.74
C CYS A 4 9.66 25.22 15.41
N PHE A 5 8.89 25.80 16.33
CA PHE A 5 8.01 24.96 17.13
C PHE A 5 6.60 25.54 17.28
N VAL A 6 5.63 24.65 17.52
CA VAL A 6 4.27 25.05 17.87
C VAL A 6 3.62 24.14 18.92
N LYS A 7 2.71 24.74 19.72
CA LYS A 7 1.97 24.03 20.77
C LYS A 7 0.57 23.78 20.27
N ALA A 8 0.09 22.55 20.48
CA ALA A 8 -1.24 22.14 20.00
C ALA A 8 -2.34 22.57 20.94
N LEU A 9 -3.28 23.36 20.46
CA LEU A 9 -4.36 23.85 21.32
C LEU A 9 -5.39 22.79 21.54
N TYR A 10 -5.73 22.00 20.52
CA TYR A 10 -6.71 20.93 20.69
C TYR A 10 -6.15 19.66 20.16
N ASP A 11 -6.59 18.53 20.67
CA ASP A 11 -6.02 17.24 20.18
C ASP A 11 -6.62 16.90 18.84
N TYR A 12 -5.83 16.22 18.02
CA TYR A 12 -6.19 15.87 16.64
C TYR A 12 -5.89 14.42 16.35
N GLU A 13 -6.73 13.78 15.53
CA GLU A 13 -6.52 12.39 15.13
C GLU A 13 -6.53 12.37 13.60
N GLY A 14 -5.46 11.83 13.02
CA GLY A 14 -5.26 11.90 11.58
C GLY A 14 -6.09 10.87 10.87
N GLN A 15 -6.63 11.26 9.71
CA GLN A 15 -7.51 10.42 8.92
C GLN A 15 -6.70 9.45 8.04
N THR A 16 -5.78 9.98 7.24
CA THR A 16 -4.96 9.19 6.29
C THR A 16 -3.83 8.43 7.02
N ASP A 17 -2.98 7.75 6.27
CA ASP A 17 -1.70 7.25 6.82
C ASP A 17 -0.68 8.38 7.07
N ASP A 18 -0.58 9.32 6.14
CA ASP A 18 0.46 10.36 6.20
C ASP A 18 0.01 11.67 6.91
N GLU A 19 -0.99 11.54 7.78
CA GLU A 19 -1.37 12.64 8.65
C GLU A 19 -0.78 12.41 10.06
N LEU A 20 -0.54 13.50 10.77
CA LEU A 20 0.06 13.45 12.11
C LEU A 20 -0.95 13.50 13.28
N SER A 21 -1.15 12.35 13.93
CA SER A 21 -1.94 12.29 15.15
C SER A 21 -1.15 12.88 16.32
N PHE A 22 -1.81 13.71 17.14
CA PHE A 22 -1.19 14.23 18.34
C PHE A 22 -2.16 14.63 19.45
N PRO A 23 -1.72 14.59 20.74
CA PRO A 23 -2.54 15.00 21.85
C PRO A 23 -2.53 16.50 22.04
N GLU A 24 -3.35 17.01 22.96
CA GLU A 24 -3.47 18.44 23.24
C GLU A 24 -2.24 18.91 23.99
N GLY A 25 -1.86 20.16 23.75
CA GLY A 25 -0.69 20.73 24.42
C GLY A 25 0.66 20.35 23.85
N ALA A 26 0.73 19.25 23.10
CA ALA A 26 1.92 18.80 22.35
C ALA A 26 2.78 19.90 21.67
N ILE A 27 4.10 19.79 21.86
CA ILE A 27 5.04 20.67 21.19
C ILE A 27 5.43 19.91 19.94
N ILE A 28 5.28 20.58 18.78
CA ILE A 28 5.51 19.97 17.46
C ILE A 28 6.54 20.80 16.69
N ARG A 29 7.43 20.15 15.97
CA ARG A 29 8.44 20.85 15.20
C ARG A 29 8.00 21.02 13.79
N ILE A 30 7.93 22.25 13.34
CA ILE A 30 7.44 22.53 11.98
C ILE A 30 8.50 22.09 11.00
N LEU A 31 8.08 21.59 9.83
CA LEU A 31 9.00 21.16 8.73
C LEU A 31 8.70 21.83 7.40
N ASN A 32 7.42 21.89 7.06
CA ASN A 32 6.97 22.53 5.86
C ASN A 32 5.65 23.22 6.09
N LYS A 33 5.58 24.43 5.56
CA LYS A 33 4.31 25.09 5.29
C LYS A 33 4.11 25.14 3.73
N GLU A 34 4.72 24.18 3.03
CA GLU A 34 4.68 24.11 1.57
C GLU A 34 3.23 23.92 1.10
N ASN A 35 2.67 25.01 0.64
CA ASN A 35 1.32 24.92 0.24
C ASN A 35 1.38 23.81 -0.74
N GLN A 36 0.61 22.81 -0.41
CA GLN A 36 0.41 21.61 -1.23
C GLN A 36 -0.48 21.98 -2.43
N ASP A 37 -1.71 22.36 -2.09
CA ASP A 37 -2.72 22.92 -2.98
C ASP A 37 -3.31 24.05 -2.12
N ASP A 38 -2.45 24.76 -1.39
CA ASP A 38 -2.90 25.77 -0.41
C ASP A 38 -4.05 25.30 0.51
N ASP A 39 -4.02 24.04 0.96
CA ASP A 39 -5.14 23.46 1.73
C ASP A 39 -5.12 23.77 3.23
N GLY A 40 -4.11 24.54 3.68
CA GLY A 40 -4.00 24.98 5.07
C GLY A 40 -3.59 23.88 6.04
N PHE A 41 -2.90 22.88 5.54
CA PHE A 41 -2.20 21.96 6.41
C PHE A 41 -0.77 22.43 6.49
N TRP A 42 -0.07 21.87 7.46
CA TRP A 42 1.38 21.99 7.61
C TRP A 42 1.96 20.60 7.96
N GLU A 43 3.28 20.54 7.95
CA GLU A 43 3.96 19.31 8.21
C GLU A 43 4.84 19.46 9.41
N GLY A 44 4.97 18.39 10.18
CA GLY A 44 5.81 18.42 11.38
C GLY A 44 6.05 17.08 12.05
N GLU A 45 6.97 17.10 13.03
CA GLU A 45 7.38 15.92 13.76
C GLU A 45 6.87 16.01 15.18
N PHE A 46 6.45 14.85 15.68
CA PHE A 46 6.07 14.66 17.09
C PHE A 46 6.19 13.19 17.49
N ASN A 47 6.80 12.95 18.64
CA ASN A 47 7.10 11.62 19.18
C ASN A 47 7.82 10.69 18.23
N GLY A 48 8.57 11.25 17.29
CA GLY A 48 9.29 10.46 16.29
C GLY A 48 8.42 9.90 15.18
N ARG A 49 7.30 10.59 14.93
CA ARG A 49 6.41 10.32 13.80
C ARG A 49 6.23 11.66 13.10
N ILE A 50 6.44 11.66 11.80
CA ILE A 50 6.31 12.86 10.99
C ILE A 50 5.00 12.76 10.23
N GLY A 51 4.36 13.90 10.02
CA GLY A 51 3.14 13.92 9.22
C GLY A 51 2.59 15.33 8.99
N VAL A 52 1.37 15.38 8.45
CA VAL A 52 0.69 16.67 8.27
C VAL A 52 -0.56 16.79 9.11
N PHE A 53 -0.94 18.03 9.36
CA PHE A 53 -2.01 18.34 10.31
C PHE A 53 -2.60 19.70 9.93
N PRO A 54 -3.84 19.98 10.35
CA PRO A 54 -4.45 21.28 9.99
C PRO A 54 -3.83 22.45 10.75
N SER A 55 -3.36 23.48 10.06
CA SER A 55 -2.59 24.54 10.77
C SER A 55 -3.44 25.34 11.76
N VAL A 56 -4.74 25.19 11.64
CA VAL A 56 -5.68 25.89 12.49
C VAL A 56 -5.67 25.35 13.93
N LEU A 57 -5.14 24.17 14.14
CA LEU A 57 -5.17 23.60 15.48
C LEU A 57 -4.01 23.95 16.40
N VAL A 58 -3.07 24.75 15.95
CA VAL A 58 -1.90 25.01 16.76
C VAL A 58 -1.70 26.48 16.83
N GLU A 59 -0.78 26.89 17.71
CA GLU A 59 -0.26 28.27 17.77
C GLU A 59 1.24 28.26 17.93
N GLU A 60 1.85 29.35 17.48
CA GLU A 60 3.27 29.57 17.66
C GLU A 60 3.58 29.49 19.13
N LEU A 61 4.65 28.82 19.45
CA LEU A 61 4.99 28.70 20.82
C LEU A 61 5.55 29.92 21.50
N SER A 62 5.10 30.17 22.72
CA SER A 62 5.67 31.22 23.60
C SER A 62 5.09 31.17 25.04
N ALA A 63 5.30 32.24 25.82
CA ALA A 63 4.48 32.52 27.01
C ALA A 63 4.41 34.02 27.31
N PRO B 3 -9.74 32.94 17.35
CA PRO B 3 -9.66 31.72 16.53
C PRO B 3 -10.73 30.70 16.91
N GLU B 4 -11.92 30.87 16.33
CA GLU B 4 -13.07 30.02 16.68
C GLU B 4 -13.25 28.88 15.68
N ILE B 5 -13.32 27.65 16.18
CA ILE B 5 -13.16 26.47 15.32
C ILE B 5 -14.12 25.37 15.65
N ALA B 6 -14.97 25.00 14.69
CA ALA B 6 -15.94 23.92 14.87
C ALA B 6 -15.57 22.68 14.09
N GLN B 7 -16.20 21.57 14.45
CA GLN B 7 -16.02 20.28 13.75
C GLN B 7 -17.36 19.72 13.27
N VAL B 8 -17.38 19.18 12.06
CA VAL B 8 -18.61 18.72 11.43
C VAL B 8 -19.08 17.47 12.18
N ILE B 9 -20.31 17.52 12.64
CA ILE B 9 -20.90 16.45 13.43
C ILE B 9 -21.84 15.54 12.60
N ALA B 10 -22.34 16.05 11.46
CA ALA B 10 -23.27 15.31 10.61
C ALA B 10 -23.19 15.78 9.16
N SER B 11 -23.48 14.88 8.22
CA SER B 11 -23.32 15.19 6.79
C SER B 11 -24.30 16.22 6.22
N TYR B 12 -23.79 17.23 5.51
CA TYR B 12 -24.61 18.29 4.90
C TYR B 12 -24.20 18.64 3.46
N THR B 13 -25.06 18.30 2.50
CA THR B 13 -24.83 18.65 1.09
C THR B 13 -25.42 20.00 0.82
N ALA B 14 -24.70 20.79 0.02
CA ALA B 14 -25.01 22.21 -0.12
C ALA B 14 -26.24 22.46 -0.99
N THR B 15 -27.18 23.24 -0.48
CA THR B 15 -28.42 23.53 -1.20
C THR B 15 -28.26 24.73 -2.13
N GLY B 16 -27.07 25.35 -2.21
CA GLY B 16 -26.84 26.55 -3.06
C GLY B 16 -25.39 26.83 -3.42
N PRO B 17 -25.15 27.81 -4.28
CA PRO B 17 -23.79 28.21 -4.65
C PRO B 17 -23.03 28.98 -3.54
N GLU B 18 -23.74 29.61 -2.62
CA GLU B 18 -23.11 30.31 -1.50
C GLU B 18 -22.66 29.41 -0.31
N GLN B 19 -22.88 28.10 -0.38
CA GLN B 19 -22.78 27.24 0.81
C GLN B 19 -21.67 26.23 0.71
N LEU B 20 -21.11 25.84 1.86
CA LEU B 20 -20.17 24.71 1.92
C LEU B 20 -20.90 23.41 1.90
N THR B 21 -20.20 22.36 1.52
CA THR B 21 -20.77 21.02 1.53
C THR B 21 -19.83 20.16 2.40
N LEU B 22 -20.38 19.56 3.45
CA LEU B 22 -19.61 19.08 4.58
C LEU B 22 -19.76 17.58 4.82
N ALA B 23 -18.67 16.96 5.25
CA ALA B 23 -18.63 15.56 5.59
C ALA B 23 -18.15 15.44 7.04
N PRO B 24 -18.74 14.50 7.82
CA PRO B 24 -18.39 14.37 9.25
C PRO B 24 -16.91 14.21 9.50
N GLY B 25 -16.41 14.90 10.51
CA GLY B 25 -14.99 14.91 10.83
C GLY B 25 -14.29 16.19 10.46
N GLN B 26 -14.70 16.80 9.35
CA GLN B 26 -13.97 17.97 8.81
C GLN B 26 -13.89 19.16 9.78
N LEU B 27 -12.88 20.01 9.65
CA LEU B 27 -12.79 21.17 10.54
C LEU B 27 -13.12 22.46 9.82
N ILE B 28 -13.87 23.33 10.47
CA ILE B 28 -14.23 24.64 9.93
C ILE B 28 -13.77 25.77 10.87
N LEU B 29 -13.06 26.75 10.31
CA LEU B 29 -12.78 28.00 11.02
C LEU B 29 -13.98 28.93 10.82
N ILE B 30 -14.53 29.45 11.91
CA ILE B 30 -15.78 30.24 11.85
C ILE B 30 -15.45 31.69 11.55
N ARG B 31 -16.31 32.38 10.81
CA ARG B 31 -16.04 33.73 10.33
C ARG B 31 -17.14 34.70 10.68
N LYS B 32 -18.38 34.27 10.45
CA LYS B 32 -19.57 35.02 10.80
C LYS B 32 -20.64 34.07 11.30
N LYS B 33 -21.53 34.60 12.13
CA LYS B 33 -22.72 33.86 12.58
C LYS B 33 -23.95 34.80 12.40
N ASN B 34 -25.09 34.21 12.02
CA ASN B 34 -26.32 34.94 11.68
C ASN B 34 -27.49 34.54 12.55
N PRO B 35 -28.57 35.35 12.48
CA PRO B 35 -29.80 35.03 13.20
C PRO B 35 -30.41 33.67 12.86
N GLY B 36 -30.37 33.26 11.60
CA GLY B 36 -31.08 32.06 11.17
C GLY B 36 -30.77 30.75 11.91
N GLY B 37 -29.55 30.62 12.41
CA GLY B 37 -28.96 29.31 12.67
C GLY B 37 -27.95 28.95 11.59
N TRP B 38 -27.40 29.97 10.92
CA TRP B 38 -26.63 29.85 9.68
C TRP B 38 -25.26 30.54 9.82
N TRP B 39 -24.17 29.80 9.77
CA TRP B 39 -22.84 30.43 9.90
C TRP B 39 -22.08 30.42 8.59
N GLU B 40 -21.25 31.45 8.40
CA GLU B 40 -20.14 31.40 7.43
C GLU B 40 -18.84 30.83 8.05
N GLY B 41 -18.12 30.01 7.28
CA GLY B 41 -16.86 29.41 7.73
C GLY B 41 -15.88 29.13 6.58
N GLU B 42 -14.63 28.86 6.95
CA GLU B 42 -13.60 28.44 6.03
C GLU B 42 -13.30 26.99 6.34
N LEU B 43 -13.40 26.14 5.32
CA LEU B 43 -13.29 24.71 5.51
C LEU B 43 -11.84 24.28 5.37
N GLN B 44 -11.29 23.69 6.42
CA GLN B 44 -9.95 23.09 6.36
C GLN B 44 -10.16 21.62 6.05
N ALA B 45 -10.03 21.29 4.76
CA ALA B 45 -10.08 19.90 4.31
C ALA B 45 -8.85 19.61 3.48
N ARG B 46 -8.40 18.36 3.55
CA ARG B 46 -7.11 17.97 2.99
C ARG B 46 -7.18 17.96 1.48
N GLY B 47 -6.14 18.48 0.83
CA GLY B 47 -6.04 18.58 -0.62
C GLY B 47 -6.73 19.73 -1.34
N LYS B 48 -8.04 19.89 -1.16
CA LYS B 48 -8.76 21.00 -1.82
C LYS B 48 -8.31 22.36 -1.24
N LYS B 49 -8.32 23.41 -2.07
CA LYS B 49 -8.07 24.81 -1.61
C LYS B 49 -9.14 25.21 -0.61
N ARG B 50 -8.76 26.02 0.36
CA ARG B 50 -9.67 26.38 1.45
C ARG B 50 -10.79 27.23 0.88
N GLN B 51 -11.98 26.63 0.78
CA GLN B 51 -13.18 27.33 0.32
C GLN B 51 -14.00 27.85 1.51
N ILE B 52 -14.75 28.94 1.27
CA ILE B 52 -15.33 29.79 2.30
C ILE B 52 -16.80 29.92 2.04
N GLY B 53 -17.67 29.38 2.88
CA GLY B 53 -19.13 29.43 2.63
C GLY B 53 -20.08 29.23 3.80
N TRP B 54 -21.37 29.32 3.54
CA TRP B 54 -22.43 29.21 4.57
C TRP B 54 -22.97 27.79 4.84
N PHE B 55 -23.43 27.57 6.07
CA PHE B 55 -23.97 26.26 6.45
C PHE B 55 -24.85 26.32 7.70
N PRO B 56 -25.85 25.45 7.77
CA PRO B 56 -26.62 25.34 8.99
C PRO B 56 -25.75 24.90 10.20
N ALA B 57 -25.79 25.73 11.22
CA ALA B 57 -24.94 25.55 12.38
C ALA B 57 -25.23 24.26 13.16
N ASN B 58 -26.44 23.72 13.05
CA ASN B 58 -26.75 22.52 13.83
C ASN B 58 -26.21 21.23 13.21
N TYR B 59 -25.40 21.36 12.16
CA TYR B 59 -24.64 20.25 11.60
C TYR B 59 -23.16 20.25 12.06
N VAL B 60 -22.79 21.15 12.98
CA VAL B 60 -21.41 21.18 13.54
C VAL B 60 -21.43 21.22 15.05
N LYS B 61 -20.28 20.92 15.65
CA LYS B 61 -20.00 21.06 17.09
C LYS B 61 -18.78 21.96 17.27
N LEU B 62 -18.82 22.93 18.19
CA LEU B 62 -17.61 23.71 18.49
C LEU B 62 -16.55 22.96 19.33
N LEU B 63 -15.35 23.51 19.36
CA LEU B 63 -14.27 22.97 20.15
C LEU B 63 -13.72 24.10 20.98
N SER B 64 -13.50 23.88 22.27
CA SER B 64 -13.01 24.94 23.16
C SER B 64 -11.55 24.69 23.59
N PRO B 65 -10.73 25.75 23.65
CA PRO B 65 -9.37 25.59 24.22
C PRO B 65 -9.30 25.18 25.72
N SER C 2 22.50 8.12 20.73
CA SER C 2 23.75 7.50 21.30
C SER C 2 24.10 6.12 20.67
N VAL C 3 23.48 5.06 21.17
CA VAL C 3 23.58 3.76 20.56
C VAL C 3 22.16 3.47 20.04
N CYS C 4 21.36 4.54 19.83
CA CYS C 4 19.87 4.50 19.89
C CYS C 4 19.18 4.94 18.61
N PHE C 5 19.61 6.08 18.05
CA PHE C 5 19.06 6.60 16.76
C PHE C 5 20.05 6.56 15.56
N VAL C 6 19.51 6.62 14.35
CA VAL C 6 20.33 6.82 13.14
C VAL C 6 19.57 7.62 12.07
N LYS C 7 20.34 8.37 11.27
CA LYS C 7 19.82 9.21 10.18
C LYS C 7 20.00 8.48 8.86
N ALA C 8 18.92 8.42 8.08
CA ALA C 8 18.91 7.71 6.81
C ALA C 8 19.55 8.56 5.72
N LEU C 9 20.59 8.03 5.06
CA LEU C 9 21.30 8.76 4.01
C LEU C 9 20.57 8.73 2.70
N TYR C 10 20.05 7.56 2.30
CA TYR C 10 19.23 7.47 1.05
C TYR C 10 17.88 6.90 1.39
N ASP C 11 16.87 7.20 0.60
CA ASP C 11 15.53 6.62 0.88
C ASP C 11 15.45 5.17 0.42
N TYR C 12 14.66 4.37 1.16
CA TYR C 12 14.56 2.92 0.95
C TYR C 12 13.10 2.53 0.89
N GLU C 13 12.78 1.48 0.13
CA GLU C 13 11.43 0.93 0.06
C GLU C 13 11.53 -0.56 0.31
N GLY C 14 10.80 -1.04 1.30
CA GLY C 14 10.92 -2.42 1.74
C GLY C 14 10.26 -3.39 0.77
N GLN C 15 10.88 -4.56 0.62
CA GLN C 15 10.41 -5.59 -0.32
C GLN C 15 9.33 -6.45 0.37
N THR C 16 9.67 -7.03 1.52
CA THR C 16 8.76 -7.95 2.25
C THR C 16 7.67 -7.18 3.00
N ASP C 17 6.84 -7.88 3.77
CA ASP C 17 5.93 -7.23 4.74
C ASP C 17 6.66 -6.69 5.97
N ASP C 18 7.64 -7.45 6.47
CA ASP C 18 8.36 -7.10 7.70
C ASP C 18 9.65 -6.25 7.50
N GLU C 19 9.77 -5.58 6.35
CA GLU C 19 10.87 -4.64 6.11
C GLU C 19 10.37 -3.22 6.28
N LEU C 20 11.26 -2.34 6.71
CA LEU C 20 10.93 -0.96 7.11
C LEU C 20 11.13 0.05 5.98
N SER C 21 10.03 0.51 5.39
CA SER C 21 10.09 1.60 4.41
C SER C 21 10.33 2.92 5.13
N PHE C 22 11.20 3.76 4.56
CA PHE C 22 11.43 5.11 5.07
C PHE C 22 12.00 6.11 4.07
N PRO C 23 11.77 7.43 4.28
CA PRO C 23 12.30 8.48 3.41
C PRO C 23 13.70 8.91 3.81
N GLU C 24 14.30 9.74 2.96
CA GLU C 24 15.69 10.13 3.14
C GLU C 24 15.76 11.09 4.27
N GLY C 25 16.84 11.05 5.02
CA GLY C 25 17.01 11.97 6.14
C GLY C 25 16.35 11.56 7.43
N ALA C 26 15.36 10.66 7.33
CA ALA C 26 14.63 10.10 8.48
C ALA C 26 15.50 9.74 9.69
N ILE C 27 15.02 10.07 10.90
CA ILE C 27 15.68 9.58 12.12
C ILE C 27 15.00 8.33 12.62
N ILE C 28 15.77 7.26 12.81
CA ILE C 28 15.23 5.93 13.08
C ILE C 28 15.76 5.48 14.42
N ARG C 29 14.91 4.85 15.23
CA ARG C 29 15.33 4.28 16.50
C ARG C 29 15.78 2.85 16.23
N ILE C 30 16.99 2.53 16.66
CA ILE C 30 17.53 1.18 16.57
C ILE C 30 16.88 0.28 17.64
N LEU C 31 16.65 -0.99 17.30
CA LEU C 31 16.14 -1.99 18.26
C LEU C 31 16.99 -3.24 18.37
N ASN C 32 17.48 -3.72 17.21
CA ASN C 32 18.57 -4.68 17.19
C ASN C 32 19.65 -4.26 16.15
N LYS C 33 20.90 -4.12 16.64
CA LYS C 33 22.10 -3.97 15.78
C LYS C 33 23.24 -4.90 16.22
N GLU C 34 22.97 -5.82 17.18
CA GLU C 34 23.94 -6.85 17.62
C GLU C 34 24.20 -8.02 16.62
N ASN C 35 23.11 -8.69 16.19
CA ASN C 35 23.11 -9.82 15.20
C ASN C 35 21.77 -10.37 14.75
N GLN C 36 21.59 -10.49 13.44
CA GLN C 36 20.40 -11.11 12.89
C GLN C 36 20.90 -11.95 11.73
N ASP C 37 21.61 -13.02 12.05
CA ASP C 37 22.22 -13.97 11.10
C ASP C 37 23.25 -13.38 10.15
N ASP C 38 23.91 -12.30 10.57
CA ASP C 38 24.97 -11.66 9.80
C ASP C 38 24.61 -11.29 8.37
N ASP C 39 23.43 -10.77 8.13
CA ASP C 39 23.05 -10.42 6.77
C ASP C 39 22.86 -8.93 6.57
N GLY C 40 23.67 -8.17 7.27
CA GLY C 40 23.73 -6.72 7.20
C GLY C 40 22.40 -5.99 7.21
N PHE C 41 21.41 -6.58 7.85
CA PHE C 41 20.16 -5.90 8.15
C PHE C 41 20.16 -5.50 9.63
N TRP C 42 19.39 -4.48 9.96
CA TRP C 42 19.11 -4.10 11.34
C TRP C 42 17.60 -3.87 11.47
N GLU C 43 17.17 -3.70 12.71
CA GLU C 43 15.78 -3.49 13.03
C GLU C 43 15.57 -2.17 13.74
N GLY C 44 14.45 -1.50 13.44
CA GLY C 44 14.15 -0.20 14.05
C GLY C 44 12.74 0.30 13.87
N GLU C 45 12.40 1.39 14.56
CA GLU C 45 11.07 2.00 14.50
C GLU C 45 11.19 3.28 13.74
N PHE C 46 10.17 3.59 12.93
CA PHE C 46 10.00 4.90 12.30
C PHE C 46 8.53 5.11 11.98
N ASN C 47 8.03 6.26 12.37
CA ASN C 47 6.66 6.62 12.09
C ASN C 47 5.68 5.60 12.56
N GLY C 48 6.00 4.98 13.66
CA GLY C 48 5.11 4.05 14.35
C GLY C 48 4.91 2.78 13.59
N ARG C 49 5.86 2.46 12.71
CA ARG C 49 5.96 1.15 12.06
C ARG C 49 7.36 0.63 12.39
N ILE C 50 7.44 -0.64 12.78
CA ILE C 50 8.70 -1.29 13.11
C ILE C 50 9.04 -2.31 12.04
N GLY C 51 10.32 -2.41 11.70
CA GLY C 51 10.77 -3.36 10.69
C GLY C 51 12.27 -3.48 10.60
N VAL C 52 12.73 -4.12 9.52
CA VAL C 52 14.15 -4.22 9.23
C VAL C 52 14.53 -3.52 7.95
N PHE C 53 15.81 -3.17 7.87
CA PHE C 53 16.33 -2.37 6.79
C PHE C 53 17.82 -2.67 6.63
N PRO C 54 18.39 -2.44 5.42
CA PRO C 54 19.84 -2.69 5.22
C PRO C 54 20.69 -1.66 5.97
N SER C 55 21.63 -2.13 6.80
CA SER C 55 22.37 -1.22 7.70
C SER C 55 23.30 -0.30 6.96
N VAL C 56 23.47 -0.60 5.70
CA VAL C 56 24.29 0.22 4.85
C VAL C 56 23.69 1.59 4.64
N LEU C 57 22.38 1.65 4.57
CA LEU C 57 21.69 2.87 4.19
C LEU C 57 21.60 4.00 5.21
N VAL C 58 21.97 3.77 6.46
CA VAL C 58 21.87 4.84 7.44
C VAL C 58 23.25 5.12 8.00
N GLU C 59 23.45 6.32 8.53
CA GLU C 59 24.68 6.65 9.22
C GLU C 59 24.43 6.69 10.69
N GLU C 60 25.49 6.44 11.44
CA GLU C 60 25.49 6.49 12.91
C GLU C 60 25.32 7.94 13.35
N LEU C 61 24.90 8.14 14.60
CA LEU C 61 25.01 9.46 15.26
C LEU C 61 24.98 9.36 16.79
N SER C 62 26.13 9.58 17.44
CA SER C 62 26.28 9.42 18.91
C SER C 62 25.69 10.59 19.72
N ALA C 63 25.73 10.46 21.06
CA ALA C 63 25.20 11.46 22.00
C ALA C 63 23.70 11.70 21.81
N LYS D 2 32.68 8.00 -0.18
CA LYS D 2 33.24 6.75 0.45
C LYS D 2 32.21 5.59 0.45
N PRO D 3 31.12 5.72 1.23
CA PRO D 3 30.08 4.70 1.21
C PRO D 3 29.27 4.71 -0.09
N GLU D 4 29.77 4.03 -1.11
CA GLU D 4 29.13 4.05 -2.43
C GLU D 4 28.20 2.85 -2.65
N ILE D 5 26.96 3.09 -3.03
CA ILE D 5 25.93 2.05 -2.94
C ILE D 5 25.01 2.05 -4.13
N ALA D 6 24.93 0.92 -4.83
CA ALA D 6 24.07 0.79 -6.00
C ALA D 6 22.93 -0.16 -5.72
N GLN D 7 21.92 -0.09 -6.58
CA GLN D 7 20.76 -0.97 -6.54
C GLN D 7 20.60 -1.73 -7.87
N VAL D 8 20.25 -3.02 -7.76
CA VAL D 8 20.14 -3.88 -8.91
C VAL D 8 18.93 -3.44 -9.72
N ILE D 9 19.16 -3.15 -10.99
CA ILE D 9 18.14 -2.66 -11.94
C ILE D 9 17.58 -3.77 -12.86
N ALA D 10 18.36 -4.84 -13.07
CA ALA D 10 17.99 -5.94 -13.96
C ALA D 10 18.63 -7.27 -13.54
N SER D 11 17.95 -8.38 -13.81
CA SER D 11 18.40 -9.69 -13.35
C SER D 11 19.71 -10.18 -14.01
N TYR D 12 20.67 -10.63 -13.18
CA TYR D 12 21.97 -11.17 -13.65
C TYR D 12 22.42 -12.46 -12.96
N THR D 13 22.42 -13.56 -13.70
CA THR D 13 22.91 -14.83 -13.17
C THR D 13 24.38 -14.92 -13.44
N ALA D 14 25.13 -15.41 -12.45
CA ALA D 14 26.59 -15.37 -12.49
C ALA D 14 27.18 -16.34 -13.52
N THR D 15 28.09 -15.83 -14.36
CA THR D 15 28.77 -16.65 -15.36
C THR D 15 30.10 -17.26 -14.84
N GLY D 16 30.45 -17.06 -13.56
CA GLY D 16 31.66 -17.65 -12.95
C GLY D 16 31.70 -17.70 -11.43
N PRO D 17 32.74 -18.33 -10.87
CA PRO D 17 32.87 -18.49 -9.41
C PRO D 17 33.30 -17.21 -8.71
N GLU D 18 33.86 -16.27 -9.46
CA GLU D 18 34.24 -14.97 -8.92
C GLU D 18 33.09 -13.92 -8.82
N GLN D 19 31.89 -14.26 -9.29
CA GLN D 19 30.85 -13.26 -9.55
C GLN D 19 29.64 -13.41 -8.66
N LEU D 20 28.97 -12.29 -8.38
CA LEU D 20 27.66 -12.29 -7.70
C LEU D 20 26.58 -12.63 -8.69
N THR D 21 25.47 -13.10 -8.12
CA THR D 21 24.30 -13.41 -8.91
C THR D 21 23.15 -12.60 -8.29
N LEU D 22 22.54 -11.75 -9.12
CA LEU D 22 21.74 -10.62 -8.65
C LEU D 22 20.30 -10.71 -9.08
N ALA D 23 19.41 -10.24 -8.22
CA ALA D 23 17.97 -10.14 -8.48
C ALA D 23 17.51 -8.69 -8.30
N PRO D 24 16.60 -8.19 -9.19
CA PRO D 24 16.23 -6.78 -9.15
C PRO D 24 15.73 -6.35 -7.78
N GLY D 25 16.15 -5.15 -7.37
CA GLY D 25 15.80 -4.62 -6.06
C GLY D 25 16.96 -4.64 -5.08
N GLN D 26 17.77 -5.69 -5.12
CA GLN D 26 18.84 -5.90 -4.11
C GLN D 26 19.83 -4.74 -4.05
N LEU D 27 20.47 -4.54 -2.91
CA LEU D 27 21.42 -3.44 -2.73
C LEU D 27 22.86 -3.92 -2.65
N ILE D 28 23.76 -3.23 -3.35
CA ILE D 28 25.18 -3.60 -3.39
C ILE D 28 26.06 -2.45 -2.90
N LEU D 29 26.94 -2.75 -1.94
CA LEU D 29 27.98 -1.82 -1.54
C LEU D 29 29.14 -2.00 -2.49
N ILE D 30 29.56 -0.91 -3.14
CA ILE D 30 30.62 -0.96 -4.17
C ILE D 30 32.02 -0.88 -3.55
N ARG D 31 32.94 -1.67 -4.09
CA ARG D 31 34.28 -1.87 -3.51
C ARG D 31 35.41 -1.54 -4.46
N LYS D 32 35.30 -2.03 -5.70
CA LYS D 32 36.20 -1.71 -6.79
C LYS D 32 35.44 -1.55 -8.10
N LYS D 33 35.99 -0.74 -9.00
CA LYS D 33 35.47 -0.60 -10.36
C LYS D 33 36.64 -0.76 -11.35
N ASN D 34 36.35 -1.42 -12.49
CA ASN D 34 37.37 -1.78 -13.49
C ASN D 34 37.12 -1.15 -14.84
N PRO D 35 38.15 -1.23 -15.71
CA PRO D 35 37.99 -0.77 -17.09
C PRO D 35 36.85 -1.46 -17.84
N GLY D 36 36.67 -2.77 -17.65
CA GLY D 36 35.69 -3.51 -18.48
C GLY D 36 34.25 -2.96 -18.58
N GLY D 37 33.80 -2.29 -17.51
CA GLY D 37 32.37 -2.17 -17.22
C GLY D 37 31.95 -3.12 -16.10
N TRP D 38 32.93 -3.52 -15.27
CA TRP D 38 32.83 -4.66 -14.35
C TRP D 38 33.19 -4.18 -12.95
N TRP D 39 32.25 -4.27 -12.01
CA TRP D 39 32.55 -3.84 -10.66
C TRP D 39 32.58 -5.02 -9.70
N GLU D 40 33.41 -4.89 -8.65
CA GLU D 40 33.28 -5.69 -7.43
C GLU D 40 32.36 -4.99 -6.42
N GLY D 41 31.55 -5.76 -5.70
CA GLY D 41 30.66 -5.25 -4.65
C GLY D 41 30.34 -6.26 -3.55
N GLU D 42 29.77 -5.77 -2.45
CA GLU D 42 29.30 -6.64 -1.35
C GLU D 42 27.79 -6.59 -1.34
N LEU D 43 27.16 -7.75 -1.42
CA LEU D 43 25.72 -7.82 -1.63
C LEU D 43 25.03 -7.84 -0.30
N GLN D 44 24.17 -6.83 -0.08
CA GLN D 44 23.32 -6.79 1.11
C GLN D 44 21.97 -7.39 0.71
N ALA D 45 21.80 -8.69 0.98
CA ALA D 45 20.54 -9.40 0.73
C ALA D 45 20.13 -10.14 2.00
N ARG D 46 18.82 -10.18 2.22
CA ARG D 46 18.30 -10.62 3.49
C ARG D 46 18.51 -12.10 3.68
N GLY D 47 18.98 -12.50 4.86
CA GLY D 47 19.15 -13.90 5.17
C GLY D 47 20.53 -14.45 4.94
N LYS D 48 20.91 -14.45 3.69
CA LYS D 48 22.23 -14.97 3.33
C LYS D 48 23.37 -14.09 3.92
N LYS D 49 24.50 -14.72 4.26
CA LYS D 49 25.71 -13.98 4.69
C LYS D 49 26.18 -13.06 3.55
N ARG D 50 26.75 -11.91 3.91
CA ARG D 50 27.16 -10.92 2.92
C ARG D 50 28.34 -11.49 2.07
N GLN D 51 28.02 -11.88 0.83
CA GLN D 51 29.02 -12.35 -0.14
C GLN D 51 29.50 -11.19 -1.07
N ILE D 52 30.74 -11.32 -1.54
CA ILE D 52 31.52 -10.25 -2.15
C ILE D 52 32.02 -10.70 -3.51
N GLY D 53 31.53 -10.12 -4.60
CA GLY D 53 31.92 -10.56 -5.97
C GLY D 53 31.78 -9.57 -7.12
N TRP D 54 32.17 -10.00 -8.31
CA TRP D 54 32.12 -9.16 -9.52
C TRP D 54 30.80 -9.23 -10.34
N PHE D 55 30.49 -8.14 -11.03
CA PHE D 55 29.28 -8.12 -11.85
C PHE D 55 29.35 -7.02 -12.92
N PRO D 56 28.61 -7.22 -14.02
CA PRO D 56 28.52 -6.18 -15.04
C PRO D 56 27.77 -4.97 -14.49
N ALA D 57 28.43 -3.82 -14.57
CA ALA D 57 27.91 -2.59 -13.98
C ALA D 57 26.62 -2.09 -14.67
N ASN D 58 26.37 -2.48 -15.91
CA ASN D 58 25.14 -2.02 -16.57
C ASN D 58 23.88 -2.82 -16.20
N TYR D 59 23.98 -3.66 -15.17
CA TYR D 59 22.83 -4.30 -14.55
C TYR D 59 22.49 -3.66 -13.19
N VAL D 60 23.11 -2.53 -12.82
CA VAL D 60 22.78 -1.78 -11.57
C VAL D 60 22.60 -0.30 -11.85
N LYS D 61 21.96 0.41 -10.90
CA LYS D 61 21.85 1.90 -10.87
C LYS D 61 22.46 2.36 -9.56
N LEU D 62 23.27 3.41 -9.56
CA LEU D 62 23.72 4.02 -8.28
C LEU D 62 22.63 4.87 -7.57
N LEU D 63 22.89 5.21 -6.32
CA LEU D 63 22.02 6.03 -5.52
C LEU D 63 22.90 7.12 -4.92
N SER D 64 22.44 8.38 -4.98
CA SER D 64 23.25 9.51 -4.50
C SER D 64 22.66 10.19 -3.25
N PRO D 65 23.53 10.62 -2.32
CA PRO D 65 22.98 11.26 -1.11
C PRO D 65 22.38 12.64 -1.42
N PRO E 3 -25.34 -8.30 -12.21
CA PRO E 3 -24.56 -7.48 -11.28
C PRO E 3 -24.39 -6.05 -11.80
N GLU E 4 -25.36 -5.19 -11.51
CA GLU E 4 -25.35 -3.81 -12.02
C GLU E 4 -24.80 -2.86 -10.96
N ILE E 5 -23.80 -2.06 -11.34
CA ILE E 5 -22.99 -1.32 -10.35
C ILE E 5 -22.71 0.08 -10.83
N ALA E 6 -23.15 1.07 -10.04
CA ALA E 6 -22.89 2.48 -10.33
C ALA E 6 -21.88 3.09 -9.34
N GLN E 7 -21.32 4.24 -9.74
CA GLN E 7 -20.42 5.01 -8.92
C GLN E 7 -20.97 6.43 -8.69
N VAL E 8 -20.83 6.93 -7.47
CA VAL E 8 -21.33 8.25 -7.08
C VAL E 8 -20.51 9.35 -7.79
N ILE E 9 -21.20 10.20 -8.55
CA ILE E 9 -20.60 11.26 -9.36
C ILE E 9 -20.66 12.63 -8.66
N ALA E 10 -21.60 12.80 -7.73
CA ALA E 10 -21.82 14.08 -7.04
C ALA E 10 -22.45 13.86 -5.67
N SER E 11 -22.12 14.75 -4.74
CA SER E 11 -22.53 14.58 -3.34
C SER E 11 -24.04 14.69 -3.14
N TYR E 12 -24.61 13.78 -2.37
CA TYR E 12 -26.06 13.78 -2.04
C TYR E 12 -26.34 13.45 -0.57
N THR E 13 -26.86 14.42 0.19
CA THR E 13 -27.30 14.20 1.58
C THR E 13 -28.77 13.76 1.55
N ALA E 14 -29.11 12.79 2.39
CA ALA E 14 -30.40 12.11 2.32
C ALA E 14 -31.51 12.97 2.86
N THR E 15 -32.59 13.12 2.11
CA THR E 15 -33.75 13.94 2.50
C THR E 15 -34.82 13.16 3.31
N GLY E 16 -34.55 11.87 3.60
CA GLY E 16 -35.47 11.02 4.37
C GLY E 16 -34.86 9.74 4.97
N PRO E 17 -35.64 9.03 5.82
CA PRO E 17 -35.16 7.80 6.47
C PRO E 17 -35.01 6.58 5.51
N GLU E 18 -35.72 6.62 4.38
CA GLU E 18 -35.64 5.56 3.38
C GLU E 18 -34.43 5.66 2.41
N GLN E 19 -33.59 6.69 2.55
CA GLN E 19 -32.61 7.07 1.50
C GLN E 19 -31.18 6.90 1.96
N LEU E 20 -30.29 6.63 0.99
CA LEU E 20 -28.82 6.66 1.23
C LEU E 20 -28.31 8.09 1.19
N THR E 21 -27.15 8.24 1.84
CA THR E 21 -26.38 9.48 1.91
C THR E 21 -25.15 9.09 1.08
N LEU E 22 -24.74 9.94 0.15
CA LEU E 22 -23.65 9.53 -0.74
C LEU E 22 -22.58 10.58 -0.84
N ALA E 23 -21.34 10.11 -0.96
CA ALA E 23 -20.17 10.96 -1.13
C ALA E 23 -19.48 10.53 -2.43
N PRO E 24 -18.93 11.51 -3.21
CA PRO E 24 -18.36 11.16 -4.52
C PRO E 24 -17.28 10.09 -4.42
N GLY E 25 -17.27 9.18 -5.40
CA GLY E 25 -16.33 8.08 -5.41
C GLY E 25 -16.95 6.76 -5.02
N GLN E 26 -17.84 6.77 -4.01
CA GLN E 26 -18.44 5.54 -3.45
C GLN E 26 -19.11 4.65 -4.51
N LEU E 27 -19.17 3.34 -4.26
CA LEU E 27 -19.77 2.38 -5.21
C LEU E 27 -21.11 1.86 -4.70
N ILE E 28 -22.10 1.78 -5.59
CA ILE E 28 -23.45 1.31 -5.24
C ILE E 28 -23.82 0.13 -6.12
N LEU E 29 -24.22 -0.97 -5.49
CA LEU E 29 -24.87 -2.08 -6.21
C LEU E 29 -26.36 -1.73 -6.38
N ILE E 30 -26.84 -1.77 -7.63
CA ILE E 30 -28.22 -1.35 -7.94
C ILE E 30 -29.18 -2.51 -7.73
N ARG E 31 -30.36 -2.23 -7.18
CA ARG E 31 -31.33 -3.28 -6.79
C ARG E 31 -32.68 -3.11 -7.45
N LYS E 32 -33.20 -1.88 -7.43
CA LYS E 32 -34.45 -1.50 -8.08
C LYS E 32 -34.27 -0.13 -8.74
N LYS E 33 -35.01 0.10 -9.83
CA LYS E 33 -35.06 1.41 -10.51
C LYS E 33 -36.56 1.79 -10.73
N ASN E 34 -36.89 3.07 -10.51
CA ASN E 34 -38.29 3.56 -10.51
C ASN E 34 -38.56 4.58 -11.61
N PRO E 35 -39.85 4.89 -11.85
CA PRO E 35 -40.22 5.97 -12.78
C PRO E 35 -39.62 7.35 -12.45
N GLY E 36 -39.58 7.72 -11.17
CA GLY E 36 -39.18 9.07 -10.77
C GLY E 36 -37.85 9.60 -11.30
N GLY E 37 -36.89 8.71 -11.56
CA GLY E 37 -35.47 9.06 -11.60
C GLY E 37 -34.79 8.62 -10.29
N TRP E 38 -35.39 7.63 -9.62
CA TRP E 38 -35.08 7.28 -8.22
C TRP E 38 -34.73 5.80 -8.11
N TRP E 39 -33.50 5.48 -7.73
CA TRP E 39 -33.08 4.08 -7.62
C TRP E 39 -32.88 3.65 -6.19
N GLU E 40 -33.19 2.37 -5.91
CA GLU E 40 -32.68 1.67 -4.72
C GLU E 40 -31.34 0.99 -5.00
N GLY E 41 -30.44 1.04 -4.01
CA GLY E 41 -29.13 0.42 -4.11
C GLY E 41 -28.54 0.04 -2.76
N GLU E 42 -27.50 -0.79 -2.80
CA GLU E 42 -26.74 -1.19 -1.62
C GLU E 42 -25.39 -0.52 -1.72
N LEU E 43 -25.04 0.24 -0.68
CA LEU E 43 -23.83 1.04 -0.68
C LEU E 43 -22.61 0.26 -0.16
N GLN E 44 -21.62 0.08 -1.04
CA GLN E 44 -20.35 -0.54 -0.65
C GLN E 44 -19.41 0.62 -0.26
N ALA E 45 -19.35 0.88 1.04
CA ALA E 45 -18.44 1.89 1.58
C ALA E 45 -17.62 1.26 2.69
N ARG E 46 -16.36 1.68 2.80
CA ARG E 46 -15.38 1.02 3.69
C ARG E 46 -15.72 1.27 5.15
N GLY E 47 -15.66 0.21 5.95
CA GLY E 47 -15.98 0.23 7.38
C GLY E 47 -17.44 0.09 7.82
N LYS E 48 -18.34 0.97 7.36
CA LYS E 48 -19.75 0.88 7.72
C LYS E 48 -20.40 -0.39 7.10
N LYS E 49 -21.37 -0.97 7.83
CA LYS E 49 -22.15 -2.11 7.34
C LYS E 49 -22.91 -1.71 6.07
N ARG E 50 -23.07 -2.63 5.13
CA ARG E 50 -23.71 -2.31 3.86
C ARG E 50 -25.17 -1.96 4.11
N GLN E 51 -25.47 -0.67 4.03
CA GLN E 51 -26.85 -0.17 4.10
C GLN E 51 -27.50 0.00 2.71
N ILE E 52 -28.82 -0.16 2.69
CA ILE E 52 -29.63 -0.37 1.47
C ILE E 52 -30.74 0.70 1.40
N GLY E 53 -30.69 1.59 0.41
CA GLY E 53 -31.67 2.70 0.35
C GLY E 53 -31.82 3.41 -0.99
N TRP E 54 -32.75 4.38 -1.02
CA TRP E 54 -33.10 5.16 -2.24
C TRP E 54 -32.29 6.45 -2.48
N PHE E 55 -32.11 6.79 -3.75
CA PHE E 55 -31.34 7.99 -4.11
C PHE E 55 -31.66 8.48 -5.54
N PRO E 56 -31.56 9.79 -5.75
CA PRO E 56 -31.75 10.31 -7.10
C PRO E 56 -30.65 9.77 -8.03
N ALA E 57 -31.10 9.16 -9.12
CA ALA E 57 -30.19 8.50 -10.07
C ALA E 57 -29.20 9.45 -10.77
N ASN E 58 -29.55 10.74 -10.87
CA ASN E 58 -28.69 11.70 -11.58
C ASN E 58 -27.53 12.21 -10.73
N TYR E 59 -27.35 11.61 -9.55
CA TYR E 59 -26.15 11.81 -8.73
C TYR E 59 -25.17 10.62 -8.82
N VAL E 60 -25.41 9.68 -9.74
CA VAL E 60 -24.48 8.56 -10.00
C VAL E 60 -24.20 8.38 -11.50
N LYS E 61 -23.10 7.65 -11.80
CA LYS E 61 -22.72 7.18 -13.16
C LYS E 61 -22.61 5.66 -13.13
N LEU E 62 -23.18 4.96 -14.10
CA LEU E 62 -22.98 3.49 -14.19
C LEU E 62 -21.57 3.11 -14.70
N LEU E 63 -21.23 1.83 -14.53
CA LEU E 63 -19.97 1.26 -15.01
C LEU E 63 -20.34 0.01 -15.80
N SER E 64 -19.78 -0.14 -17.01
CA SER E 64 -20.13 -1.28 -17.88
C SER E 64 -18.96 -2.27 -18.00
N PRO E 65 -19.27 -3.59 -18.06
CA PRO E 65 -18.18 -4.57 -18.25
C PRO E 65 -17.61 -4.54 -19.68
N PRO F 3 -1.05 -32.82 -15.64
CA PRO F 3 -0.53 -31.66 -14.89
C PRO F 3 0.90 -31.87 -14.40
N GLU F 4 1.87 -31.57 -15.27
CA GLU F 4 3.29 -31.79 -14.96
C GLU F 4 3.93 -30.52 -14.45
N ILE F 5 4.61 -30.58 -13.31
CA ILE F 5 5.01 -29.37 -12.58
C ILE F 5 6.42 -29.50 -11.99
N ALA F 6 7.30 -28.59 -12.41
CA ALA F 6 8.68 -28.54 -11.90
C ALA F 6 8.92 -27.34 -10.99
N GLN F 7 9.98 -27.44 -10.18
CA GLN F 7 10.41 -26.37 -9.30
C GLN F 7 11.84 -25.94 -9.62
N VAL F 8 12.07 -24.63 -9.63
CA VAL F 8 13.37 -24.06 -9.97
C VAL F 8 14.41 -24.44 -8.89
N ILE F 9 15.49 -25.09 -9.33
CA ILE F 9 16.56 -25.58 -8.46
C ILE F 9 17.79 -24.65 -8.42
N ALA F 10 17.97 -23.85 -9.48
CA ALA F 10 19.13 -22.94 -9.61
C ALA F 10 18.77 -21.70 -10.47
N SER F 11 19.43 -20.58 -10.18
CA SER F 11 19.12 -19.29 -10.85
C SER F 11 19.51 -19.24 -12.34
N TYR F 12 18.55 -18.86 -13.20
CA TYR F 12 18.76 -18.74 -14.66
C TYR F 12 18.23 -17.42 -15.23
N THR F 13 19.15 -16.55 -15.67
CA THR F 13 18.79 -15.31 -16.38
C THR F 13 18.64 -15.61 -17.89
N ALA F 14 17.59 -15.04 -18.50
CA ALA F 14 17.19 -15.39 -19.87
C ALA F 14 18.17 -14.85 -20.90
N THR F 15 18.62 -15.72 -21.81
CA THR F 15 19.56 -15.33 -22.88
C THR F 15 18.84 -14.86 -24.17
N GLY F 16 17.49 -14.80 -24.15
CA GLY F 16 16.70 -14.36 -25.32
C GLY F 16 15.27 -13.93 -25.02
N PRO F 17 14.55 -13.40 -26.05
CA PRO F 17 13.16 -12.93 -25.89
C PRO F 17 12.13 -14.05 -25.81
N GLU F 18 12.50 -15.25 -26.26
CA GLU F 18 11.64 -16.43 -26.15
C GLU F 18 11.70 -17.19 -24.79
N GLN F 19 12.50 -16.72 -23.84
CA GLN F 19 12.86 -17.51 -22.64
C GLN F 19 12.36 -16.92 -21.36
N LEU F 20 12.09 -17.79 -20.37
CA LEU F 20 11.82 -17.35 -19.00
C LEU F 20 13.10 -17.06 -18.26
N THR F 21 12.96 -16.23 -17.23
CA THR F 21 14.08 -15.89 -16.37
C THR F 21 13.64 -16.30 -14.96
N LEU F 22 14.43 -17.17 -14.33
CA LEU F 22 13.98 -17.95 -13.18
C LEU F 22 14.83 -17.67 -11.94
N ALA F 23 14.17 -17.73 -10.78
CA ALA F 23 14.79 -17.56 -9.47
C ALA F 23 14.48 -18.77 -8.63
N PRO F 24 15.45 -19.30 -7.84
CA PRO F 24 15.24 -20.56 -7.09
C PRO F 24 14.01 -20.54 -6.19
N GLY F 25 13.27 -21.65 -6.20
CA GLY F 25 12.02 -21.77 -5.46
C GLY F 25 10.79 -21.77 -6.36
N GLN F 26 10.78 -20.92 -7.39
CA GLN F 26 9.59 -20.69 -8.26
C GLN F 26 9.05 -21.99 -8.90
N LEU F 27 7.76 -22.00 -9.19
CA LEU F 27 7.11 -23.19 -9.75
C LEU F 27 6.75 -22.97 -11.20
N ILE F 28 7.02 -23.98 -12.04
CA ILE F 28 6.75 -23.91 -13.47
C ILE F 28 5.80 -25.05 -13.85
N LEU F 29 4.72 -24.71 -14.54
CA LEU F 29 3.89 -25.71 -15.22
C LEU F 29 4.53 -26.03 -16.58
N ILE F 30 4.82 -27.31 -16.86
CA ILE F 30 5.51 -27.72 -18.08
C ILE F 30 4.50 -27.86 -19.23
N ARG F 31 4.90 -27.48 -20.43
CA ARG F 31 4.01 -27.44 -21.60
C ARG F 31 4.54 -28.24 -22.77
N LYS F 32 5.82 -28.04 -23.08
CA LYS F 32 6.53 -28.80 -24.10
C LYS F 32 7.95 -29.12 -23.63
N LYS F 33 8.50 -30.22 -24.14
CA LYS F 33 9.90 -30.62 -23.88
C LYS F 33 10.55 -30.97 -25.24
N ASN F 34 11.81 -30.58 -25.42
CA ASN F 34 12.55 -30.68 -26.71
C ASN F 34 13.76 -31.59 -26.60
N PRO F 35 14.34 -31.96 -27.77
CA PRO F 35 15.61 -32.69 -27.81
C PRO F 35 16.79 -32.02 -27.09
N GLY F 36 16.93 -30.69 -27.18
CA GLY F 36 18.09 -29.98 -26.64
C GLY F 36 18.45 -30.19 -25.17
N GLY F 37 17.45 -30.46 -24.34
CA GLY F 37 17.54 -30.22 -22.89
C GLY F 37 16.78 -28.96 -22.53
N TRP F 38 15.80 -28.59 -23.36
CA TRP F 38 15.16 -27.26 -23.36
C TRP F 38 13.66 -27.37 -23.28
N TRP F 39 13.04 -26.92 -22.20
CA TRP F 39 11.57 -27.04 -22.04
C TRP F 39 10.87 -25.71 -22.15
N GLU F 40 9.65 -25.73 -22.71
CA GLU F 40 8.71 -24.63 -22.53
C GLU F 40 7.85 -24.85 -21.28
N GLY F 41 7.57 -23.76 -20.57
CA GLY F 41 6.74 -23.79 -19.35
C GLY F 41 5.99 -22.49 -19.09
N GLU F 42 5.02 -22.54 -18.18
CA GLU F 42 4.30 -21.37 -17.71
C GLU F 42 4.71 -21.16 -16.27
N LEU F 43 5.20 -19.95 -15.98
CA LEU F 43 5.78 -19.64 -14.68
C LEU F 43 4.70 -19.14 -13.71
N GLN F 44 4.53 -19.85 -12.59
CA GLN F 44 3.61 -19.42 -11.52
C GLN F 44 4.47 -18.69 -10.48
N ALA F 45 4.50 -17.36 -10.61
CA ALA F 45 5.23 -16.50 -9.67
C ALA F 45 4.30 -15.41 -9.18
N ARG F 46 4.43 -15.05 -7.89
CA ARG F 46 3.46 -14.20 -7.19
C ARG F 46 3.51 -12.80 -7.74
N GLY F 47 2.34 -12.23 -7.99
CA GLY F 47 2.18 -10.89 -8.55
C GLY F 47 2.24 -10.69 -10.06
N LYS F 48 3.32 -11.09 -10.72
CA LYS F 48 3.46 -10.95 -12.17
C LYS F 48 2.44 -11.86 -12.91
N LYS F 49 1.91 -11.40 -14.06
CA LYS F 49 1.01 -12.21 -14.91
C LYS F 49 1.75 -13.46 -15.38
N ARG F 50 1.05 -14.58 -15.50
CA ARG F 50 1.69 -15.86 -15.85
C ARG F 50 2.27 -15.75 -17.29
N GLN F 51 3.60 -15.61 -17.36
CA GLN F 51 4.35 -15.62 -18.64
C GLN F 51 4.88 -17.02 -19.01
N ILE F 52 4.99 -17.26 -20.31
CA ILE F 52 5.13 -18.59 -20.91
C ILE F 52 6.36 -18.63 -21.80
N GLY F 53 7.39 -19.39 -21.45
CA GLY F 53 8.65 -19.38 -22.23
C GLY F 53 9.58 -20.57 -22.06
N TRP F 54 10.71 -20.52 -22.78
CA TRP F 54 11.72 -21.60 -22.79
C TRP F 54 12.87 -21.48 -21.77
N PHE F 55 13.41 -22.61 -21.35
CA PHE F 55 14.49 -22.63 -20.36
C PHE F 55 15.25 -23.95 -20.35
N PRO F 56 16.54 -23.89 -19.99
CA PRO F 56 17.30 -25.13 -19.85
C PRO F 56 16.74 -25.96 -18.73
N ALA F 57 16.41 -27.21 -19.04
CA ALA F 57 15.76 -28.13 -18.12
C ALA F 57 16.63 -28.54 -16.89
N ASN F 58 17.96 -28.42 -17.01
CA ASN F 58 18.86 -28.78 -15.89
C ASN F 58 19.04 -27.68 -14.84
N TYR F 59 18.22 -26.63 -14.97
CA TYR F 59 18.02 -25.63 -13.92
C TYR F 59 16.71 -25.82 -13.13
N VAL F 60 15.98 -26.94 -13.35
CA VAL F 60 14.76 -27.27 -12.56
C VAL F 60 14.79 -28.71 -12.04
N LYS F 61 13.94 -28.99 -11.04
CA LYS F 61 13.66 -30.35 -10.52
C LYS F 61 12.16 -30.60 -10.66
N LEU F 62 11.74 -31.77 -11.15
CA LEU F 62 10.30 -32.11 -11.16
C LEU F 62 9.75 -32.47 -9.78
N LEU F 63 8.42 -32.50 -9.68
CA LEU F 63 7.70 -32.90 -8.47
C LEU F 63 6.68 -33.98 -8.87
N SER F 64 6.64 -35.10 -8.15
CA SER F 64 5.76 -36.23 -8.50
C SER F 64 4.61 -36.39 -7.49
N PRO F 65 3.40 -36.74 -7.98
CA PRO F 65 2.28 -36.95 -7.04
C PRO F 65 2.45 -38.23 -6.21
N VAL G 6 -10.17 -27.78 -2.67
CA VAL G 6 -9.97 -29.02 -3.40
C VAL G 6 -8.98 -29.91 -2.66
N LYS G 7 -8.29 -30.77 -3.40
CA LYS G 7 -7.33 -31.70 -2.76
C LYS G 7 -5.92 -31.37 -3.24
N ALA G 8 -4.99 -31.25 -2.29
CA ALA G 8 -3.60 -30.88 -2.57
C ALA G 8 -2.81 -32.09 -3.07
N LEU G 9 -2.23 -32.00 -4.28
CA LEU G 9 -1.48 -33.11 -4.86
C LEU G 9 -0.07 -33.25 -4.27
N TYR G 10 0.63 -32.13 -4.12
CA TYR G 10 1.96 -32.11 -3.46
C TYR G 10 1.94 -31.14 -2.27
N ASP G 11 2.75 -31.42 -1.25
CA ASP G 11 2.81 -30.52 -0.07
C ASP G 11 3.56 -29.24 -0.42
N TYR G 12 3.14 -28.15 0.21
CA TYR G 12 3.68 -26.83 -0.07
C TYR G 12 4.04 -26.15 1.25
N GLU G 13 5.07 -25.30 1.21
CA GLU G 13 5.45 -24.49 2.36
C GLU G 13 5.52 -23.03 1.90
N GLY G 14 4.76 -22.17 2.57
CA GLY G 14 4.63 -20.76 2.16
C GLY G 14 5.87 -19.94 2.47
N GLN G 15 6.23 -19.02 1.56
CA GLN G 15 7.41 -18.16 1.74
C GLN G 15 7.09 -16.97 2.63
N THR G 16 6.04 -16.22 2.25
CA THR G 16 5.65 -14.98 2.93
C THR G 16 4.88 -15.28 4.24
N ASP G 17 4.43 -14.23 4.94
CA ASP G 17 3.48 -14.40 6.06
C ASP G 17 2.08 -14.79 5.58
N ASP G 18 1.61 -14.16 4.50
CA ASP G 18 0.23 -14.34 3.99
C ASP G 18 0.05 -15.47 2.95
N GLU G 19 1.00 -16.40 2.90
CA GLU G 19 0.88 -17.61 2.07
C GLU G 19 0.46 -18.80 2.94
N LEU G 20 -0.26 -19.73 2.33
CA LEU G 20 -0.88 -20.86 3.03
C LEU G 20 -0.02 -22.13 2.95
N SER G 21 0.62 -22.47 4.07
CA SER G 21 1.33 -23.76 4.20
C SER G 21 0.32 -24.88 4.36
N PHE G 22 0.56 -26.00 3.67
CA PHE G 22 -0.28 -27.20 3.81
C PHE G 22 0.43 -28.52 3.46
N PRO G 23 -0.04 -29.64 4.05
CA PRO G 23 0.51 -30.96 3.72
C PRO G 23 -0.15 -31.57 2.48
N GLU G 24 0.39 -32.70 2.05
CA GLU G 24 -0.09 -33.37 0.83
C GLU G 24 -1.44 -34.02 1.12
N GLY G 25 -2.31 -34.05 0.12
CA GLY G 25 -3.63 -34.66 0.28
C GLY G 25 -4.69 -33.78 0.94
N ALA G 26 -4.26 -32.75 1.67
CA ALA G 26 -5.13 -31.75 2.34
C ALA G 26 -6.33 -31.29 1.52
N ILE G 27 -7.50 -31.25 2.15
CA ILE G 27 -8.68 -30.67 1.52
C ILE G 27 -8.72 -29.19 1.91
N ILE G 28 -8.81 -28.31 0.92
CA ILE G 28 -8.74 -26.86 1.11
C ILE G 28 -10.03 -26.23 0.56
N ARG G 29 -10.61 -25.29 1.28
CA ARG G 29 -11.84 -24.67 0.81
C ARG G 29 -11.49 -23.41 0.06
N ILE G 30 -11.71 -23.41 -1.24
CA ILE G 30 -11.38 -22.25 -2.04
C ILE G 30 -12.20 -21.08 -1.56
N LEU G 31 -11.56 -19.93 -1.44
CA LEU G 31 -12.26 -18.73 -0.97
C LEU G 31 -12.72 -17.85 -2.13
N TRP G 42 -3.76 -18.73 -4.48
CA TRP G 42 -5.20 -18.61 -4.71
C TRP G 42 -5.92 -18.21 -3.44
N GLU G 43 -7.18 -18.61 -3.36
CA GLU G 43 -8.03 -18.29 -2.23
C GLU G 43 -8.26 -19.52 -1.39
N GLY G 44 -8.04 -19.45 -0.09
CA GLY G 44 -8.27 -20.66 0.68
C GLY G 44 -7.96 -20.74 2.16
N GLU G 45 -8.76 -21.57 2.81
CA GLU G 45 -8.63 -21.86 4.24
C GLU G 45 -8.22 -23.32 4.42
N PHE G 46 -7.35 -23.57 5.40
CA PHE G 46 -7.00 -24.92 5.82
C PHE G 46 -6.49 -24.89 7.27
N ASN G 47 -7.01 -25.83 8.09
CA ASN G 47 -6.69 -25.94 9.53
C ASN G 47 -6.91 -24.63 10.32
N GLY G 48 -7.87 -23.81 9.88
CA GLY G 48 -8.15 -22.53 10.53
C GLY G 48 -7.10 -21.45 10.32
N ARG G 49 -6.32 -21.59 9.24
CA ARG G 49 -5.40 -20.56 8.76
C ARG G 49 -5.78 -20.31 7.29
N ILE G 50 -5.95 -19.04 6.95
CA ILE G 50 -6.31 -18.64 5.60
C ILE G 50 -5.07 -18.05 4.92
N GLY G 51 -4.89 -18.31 3.64
CA GLY G 51 -3.73 -17.81 2.93
C GLY G 51 -3.78 -17.90 1.42
N VAL G 52 -2.62 -17.86 0.78
CA VAL G 52 -2.54 -17.92 -0.67
C VAL G 52 -1.61 -19.05 -1.06
N PHE G 53 -1.88 -19.66 -2.21
CA PHE G 53 -1.10 -20.80 -2.67
C PHE G 53 -1.05 -20.94 -4.18
N PRO G 54 0.04 -21.50 -4.72
CA PRO G 54 0.05 -21.67 -6.18
C PRO G 54 -1.05 -22.63 -6.63
N SER G 55 -1.92 -22.19 -7.56
CA SER G 55 -3.07 -23.01 -8.00
C SER G 55 -2.69 -24.28 -8.78
N VAL G 56 -1.43 -24.35 -9.19
CA VAL G 56 -0.88 -25.48 -9.89
C VAL G 56 -0.74 -26.71 -8.96
N LEU G 57 -0.68 -26.50 -7.65
CA LEU G 57 -0.47 -27.60 -6.71
C LEU G 57 -1.75 -28.32 -6.30
N VAL H 6 -9.94 -14.93 -8.18
CA VAL H 6 -11.12 -14.25 -8.84
C VAL H 6 -10.66 -13.33 -9.98
N LYS H 7 -11.50 -13.16 -11.00
CA LYS H 7 -11.22 -12.30 -12.17
C LYS H 7 -11.96 -10.97 -12.02
N ALA H 8 -11.24 -9.86 -12.22
CA ALA H 8 -11.78 -8.51 -12.04
C ALA H 8 -12.60 -8.09 -13.25
N LEU H 9 -13.87 -7.76 -13.03
CA LEU H 9 -14.75 -7.38 -14.13
C LEU H 9 -14.52 -5.94 -14.61
N TYR H 10 -14.37 -5.00 -13.67
CA TYR H 10 -14.05 -3.60 -14.01
C TYR H 10 -12.78 -3.20 -13.29
N ASP H 11 -12.03 -2.26 -13.85
CA ASP H 11 -10.79 -1.80 -13.20
C ASP H 11 -11.11 -0.89 -12.02
N TYR H 12 -10.25 -0.95 -11.00
CA TYR H 12 -10.43 -0.23 -9.75
C TYR H 12 -9.14 0.50 -9.38
N GLU H 13 -9.30 1.66 -8.73
CA GLU H 13 -8.17 2.43 -8.22
C GLU H 13 -8.41 2.72 -6.74
N GLY H 14 -7.49 2.28 -5.88
CA GLY H 14 -7.67 2.33 -4.44
C GLY H 14 -7.52 3.75 -3.90
N GLN H 15 -8.36 4.10 -2.92
CA GLN H 15 -8.37 5.43 -2.32
C GLN H 15 -7.29 5.54 -1.23
N THR H 16 -7.30 4.62 -0.27
CA THR H 16 -6.37 4.64 0.88
C THR H 16 -4.99 4.09 0.47
N ASP H 17 -4.06 4.01 1.43
CA ASP H 17 -2.78 3.30 1.23
C ASP H 17 -2.98 1.78 1.16
N ASP H 18 -3.82 1.25 2.06
CA ASP H 18 -4.03 -0.21 2.21
C ASP H 18 -5.13 -0.81 1.33
N GLU H 19 -5.53 -0.10 0.27
CA GLU H 19 -6.46 -0.62 -0.74
C GLU H 19 -5.70 -1.10 -1.98
N LEU H 20 -6.26 -2.10 -2.66
CA LEU H 20 -5.60 -2.79 -3.77
C LEU H 20 -6.04 -2.24 -5.12
N SER H 21 -5.15 -1.47 -5.76
CA SER H 21 -5.37 -1.03 -7.14
C SER H 21 -5.16 -2.20 -8.09
N PHE H 22 -6.01 -2.32 -9.11
CA PHE H 22 -5.84 -3.35 -10.14
C PHE H 22 -6.52 -3.01 -11.48
N PRO H 23 -6.01 -3.57 -12.60
CA PRO H 23 -6.63 -3.36 -13.91
C PRO H 23 -7.75 -4.36 -14.18
N GLU H 24 -8.46 -4.16 -15.30
CA GLU H 24 -9.61 -4.99 -15.66
C GLU H 24 -9.12 -6.34 -16.12
N GLY H 25 -9.89 -7.39 -15.82
CA GLY H 25 -9.53 -8.76 -16.21
C GLY H 25 -8.54 -9.48 -15.30
N ALA H 26 -7.79 -8.71 -14.50
CA ALA H 26 -6.82 -9.20 -13.50
C ALA H 26 -7.27 -10.43 -12.71
N ILE H 27 -6.39 -11.42 -12.56
CA ILE H 27 -6.64 -12.57 -11.68
C ILE H 27 -6.02 -12.23 -10.31
N ILE H 28 -6.84 -12.31 -9.27
CA ILE H 28 -6.48 -11.89 -7.93
C ILE H 28 -6.65 -13.09 -7.01
N ARG H 29 -5.75 -13.27 -6.06
CA ARG H 29 -5.90 -14.40 -5.15
C ARG H 29 -6.55 -13.93 -3.85
N ILE H 30 -7.76 -14.40 -3.57
CA ILE H 30 -8.48 -13.97 -2.37
C ILE H 30 -7.74 -14.35 -1.10
N LEU H 31 -7.74 -13.42 -0.14
CA LEU H 31 -7.04 -13.62 1.10
C LEU H 31 -7.88 -13.75 2.36
N ASN H 32 -9.09 -13.14 2.35
CA ASN H 32 -10.09 -13.13 3.39
C ASN H 32 -11.43 -12.55 2.97
N LYS H 33 -12.37 -12.63 3.92
CA LYS H 33 -13.73 -12.10 3.77
C LYS H 33 -14.41 -11.80 5.12
N GLU H 34 -15.60 -11.21 5.09
CA GLU H 34 -16.34 -10.91 6.33
C GLU H 34 -15.61 -10.07 7.37
N ASN H 35 -15.32 -8.81 7.09
CA ASN H 35 -14.50 -8.07 8.06
C ASN H 35 -15.16 -7.99 9.44
N GLN H 36 -14.41 -7.46 10.40
CA GLN H 36 -14.92 -7.14 11.74
C GLN H 36 -16.23 -6.35 11.72
N ASP H 37 -16.35 -5.45 10.72
CA ASP H 37 -17.48 -4.53 10.58
C ASP H 37 -18.52 -4.89 9.51
N ASP H 38 -18.31 -5.97 8.74
CA ASP H 38 -19.27 -6.48 7.69
C ASP H 38 -19.30 -5.62 6.41
N ASP H 39 -18.20 -4.97 6.08
CA ASP H 39 -18.23 -3.82 5.14
C ASP H 39 -18.34 -4.13 3.64
N GLY H 40 -18.19 -5.39 3.25
CA GLY H 40 -18.25 -5.78 1.84
C GLY H 40 -16.91 -5.83 1.12
N PHE H 41 -15.85 -5.30 1.75
CA PHE H 41 -14.51 -5.34 1.17
C PHE H 41 -13.82 -6.67 1.46
N TRP H 42 -13.09 -7.18 0.47
CA TRP H 42 -12.32 -8.41 0.59
C TRP H 42 -10.86 -8.06 0.43
N GLU H 43 -10.00 -9.02 0.79
CA GLU H 43 -8.56 -8.85 0.76
C GLU H 43 -7.94 -9.81 -0.24
N GLY H 44 -6.87 -9.37 -0.91
CA GLY H 44 -6.18 -10.21 -1.88
C GLY H 44 -4.85 -9.68 -2.37
N GLU H 45 -4.12 -10.55 -3.10
CA GLU H 45 -2.81 -10.23 -3.68
C GLU H 45 -2.92 -10.10 -5.19
N PHE H 46 -2.23 -9.11 -5.75
CA PHE H 46 -2.09 -8.95 -7.19
C PHE H 46 -0.81 -8.17 -7.50
N ASN H 47 -0.06 -8.65 -8.49
CA ASN H 47 1.24 -8.04 -8.85
C ASN H 47 2.25 -7.85 -7.70
N GLY H 48 2.14 -8.68 -6.65
CA GLY H 48 3.04 -8.62 -5.50
C GLY H 48 2.73 -7.46 -4.57
N ARG H 49 1.50 -6.95 -4.65
CA ARG H 49 0.98 -5.95 -3.73
C ARG H 49 -0.30 -6.58 -3.15
N ILE H 50 -0.45 -6.51 -1.84
CA ILE H 50 -1.61 -7.03 -1.13
C ILE H 50 -2.44 -5.85 -0.65
N GLY H 51 -3.77 -6.01 -0.67
CA GLY H 51 -4.66 -4.97 -0.18
C GLY H 51 -6.10 -5.40 -0.17
N VAL H 52 -6.99 -4.44 0.05
CA VAL H 52 -8.44 -4.68 0.01
C VAL H 52 -9.13 -3.98 -1.15
N PHE H 53 -10.28 -4.52 -1.55
CA PHE H 53 -11.00 -4.06 -2.71
C PHE H 53 -12.48 -4.33 -2.50
N PRO H 54 -13.38 -3.56 -3.17
CA PRO H 54 -14.82 -3.86 -3.06
C PRO H 54 -15.17 -5.19 -3.75
N SER H 55 -15.82 -6.10 -3.01
CA SER H 55 -16.09 -7.46 -3.51
C SER H 55 -17.08 -7.50 -4.67
N VAL H 56 -17.77 -6.39 -4.87
CA VAL H 56 -18.73 -6.23 -5.95
C VAL H 56 -18.05 -6.12 -7.34
N LEU H 57 -16.75 -5.81 -7.39
CA LEU H 57 -16.03 -5.67 -8.67
C LEU H 57 -15.46 -6.95 -9.31
N VAL H 58 -15.68 -8.12 -8.68
CA VAL H 58 -14.98 -9.38 -9.04
C VAL H 58 -15.88 -10.60 -9.39
N GLU H 59 -15.30 -11.56 -10.11
CA GLU H 59 -15.98 -12.76 -10.69
C GLU H 59 -17.11 -12.41 -11.66
#